data_4Y9H
#
_entry.id   4Y9H
#
_cell.length_a   45.215
_cell.length_b   102.794
_cell.length_c   128.337
_cell.angle_alpha   90.00
_cell.angle_beta   90.00
_cell.angle_gamma   90.00
#
_symmetry.space_group_name_H-M   'C 2 2 21'
#
loop_
_entity.id
_entity.type
_entity.pdbx_description
1 polymer Bacteriorhodopsin
2 non-polymer RETINAL
3 non-polymer 'PHOSPHATE ION'
4 non-polymer HEPTANE
5 non-polymer DODECANE
6 non-polymer DECANE
7 non-polymer HEXADECANE
8 non-polymer nonane
9 water water
#
_entity_poly.entity_id   1
_entity_poly.type   'polypeptide(L)'
_entity_poly.pdbx_seq_one_letter_code
;GRPEWIWLALGTALMGLGTLYFLVKGMGVSDPDAKKFYAITTLVPAIAFTMYLSMLLGYGLTMVPFGGEQNPIYWARYAD
WLFTTPLLLLDLALLVDADQGTILALVGADGIMIGTGLVGALTKVYSYRFVWWAISTAAMLYILYVLFFGFTSKAESMRP
EVASTFKVLRNVTVVLWSAYPVVWLIGSEGAGIVPLNIETLLFMVLDVSAKVGFGLILLRSRAIFG
;
_entity_poly.pdbx_strand_id   A
#
loop_
_chem_comp.id
_chem_comp.type
_chem_comp.name
_chem_comp.formula
D10 non-polymer DECANE 'C10 H22'
D12 non-polymer DODECANE 'C12 H26'
DD9 non-polymer nonane 'C9 H20'
HP6 non-polymer HEPTANE 'C7 H16'
PO4 non-polymer 'PHOSPHATE ION' 'O4 P -3'
R16 non-polymer HEXADECANE 'C16 H34'
RET non-polymer RETINAL 'C20 H28 O'
#
# COMPACT_ATOMS: atom_id res chain seq x y z
N GLY A 1 -1.43 -13.58 -23.10
CA GLY A 1 -0.48 -14.44 -22.34
C GLY A 1 0.84 -13.77 -22.00
N ARG A 2 0.77 -12.55 -21.43
CA ARG A 2 1.93 -11.96 -20.73
C ARG A 2 2.29 -12.94 -19.56
N PRO A 3 3.54 -13.35 -19.40
CA PRO A 3 3.72 -14.41 -18.43
C PRO A 3 3.44 -13.98 -16.97
N GLU A 4 3.42 -12.68 -16.72
CA GLU A 4 3.08 -12.18 -15.37
C GLU A 4 1.59 -12.39 -15.05
N TRP A 5 0.81 -12.89 -16.03
CA TRP A 5 -0.68 -12.95 -15.85
C TRP A 5 -1.00 -13.78 -14.68
N ILE A 6 -0.24 -14.86 -14.45
CA ILE A 6 -0.58 -15.75 -13.35
C ILE A 6 -0.59 -15.07 -11.95
N TRP A 7 0.38 -14.17 -11.77
CA TRP A 7 0.44 -13.42 -10.50
C TRP A 7 -0.61 -12.30 -10.42
N LEU A 8 -0.99 -11.74 -11.57
CA LEU A 8 -2.10 -10.77 -11.61
C LEU A 8 -3.39 -11.52 -11.25
N ALA A 9 -3.52 -12.77 -11.67
CA ALA A 9 -4.72 -13.58 -11.35
C ALA A 9 -4.76 -14.01 -9.92
N LEU A 10 -3.63 -14.44 -9.35
CA LEU A 10 -3.59 -14.79 -7.98
C LEU A 10 -3.84 -13.57 -7.06
N GLY A 11 -3.20 -12.45 -7.43
CA GLY A 11 -3.40 -11.10 -6.74
C GLY A 11 -4.92 -10.73 -6.71
N THR A 12 -5.53 -10.88 -7.88
CA THR A 12 -6.98 -10.65 -8.02
C THR A 12 -7.74 -11.51 -7.10
N ALA A 13 -7.47 -12.83 -7.03
CA ALA A 13 -8.16 -13.69 -6.16
C ALA A 13 -7.96 -13.38 -4.70
N LEU A 14 -6.71 -13.10 -4.29
CA LEU A 14 -6.48 -12.82 -2.87
C LEU A 14 -7.08 -11.52 -2.42
N MET A 15 -6.98 -10.49 -3.25
CA MET A 15 -7.59 -9.17 -2.90
C MET A 15 -9.13 -9.26 -2.82
N GLY A 16 -9.70 -10.02 -3.80
CA GLY A 16 -11.14 -10.33 -3.72
C GLY A 16 -11.63 -11.06 -2.52
N LEU A 17 -11.01 -12.20 -2.18
CA LEU A 17 -11.35 -12.93 -1.04
C LEU A 17 -11.19 -12.15 0.25
N GLY A 18 -10.09 -11.45 0.36
CA GLY A 18 -9.90 -10.58 1.52
C GLY A 18 -10.97 -9.53 1.67
N THR A 19 -11.33 -8.88 0.58
CA THR A 19 -12.39 -7.84 0.59
C THR A 19 -13.71 -8.49 1.09
N LEU A 20 -14.09 -9.63 0.54
N LEU A 20 -14.07 -9.62 0.52
CA LEU A 20 -15.34 -10.26 0.91
CA LEU A 20 -15.32 -10.25 0.87
C LEU A 20 -15.36 -10.67 2.36
C LEU A 20 -15.37 -10.69 2.33
N TYR A 21 -14.28 -11.26 2.81
CA TYR A 21 -14.17 -11.60 4.24
C TYR A 21 -14.30 -10.40 5.15
N PHE A 22 -13.57 -9.32 4.81
CA PHE A 22 -13.67 -8.18 5.64
C PHE A 22 -15.06 -7.49 5.64
N LEU A 23 -15.70 -7.49 4.46
CA LEU A 23 -17.06 -6.94 4.36
C LEU A 23 -18.01 -7.77 5.21
N VAL A 24 -17.92 -9.09 5.14
CA VAL A 24 -18.81 -9.94 5.94
C VAL A 24 -18.65 -9.68 7.42
N LYS A 25 -17.36 -9.60 7.88
CA LYS A 25 -17.14 -9.32 9.29
C LYS A 25 -17.57 -7.95 9.72
N GLY A 26 -17.31 -6.99 8.87
CA GLY A 26 -17.58 -5.56 9.04
C GLY A 26 -19.10 -5.29 9.15
N MET A 27 -19.86 -5.95 8.30
CA MET A 27 -21.33 -5.78 8.30
CA MET A 27 -21.31 -5.72 8.37
C MET A 27 -21.95 -6.32 9.59
N GLY A 28 -21.30 -7.24 10.25
CA GLY A 28 -21.80 -7.83 11.45
C GLY A 28 -21.44 -7.06 12.72
N VAL A 29 -20.51 -6.10 12.66
CA VAL A 29 -20.11 -5.40 13.89
CA VAL A 29 -20.10 -5.40 13.87
C VAL A 29 -21.06 -4.23 14.16
N SER A 30 -21.38 -3.99 15.42
CA SER A 30 -22.19 -2.79 15.75
C SER A 30 -21.43 -1.65 16.46
N ASP A 31 -20.27 -1.95 17.06
CA ASP A 31 -19.44 -0.86 17.64
C ASP A 31 -19.06 0.24 16.64
N PRO A 32 -19.40 1.51 16.89
CA PRO A 32 -19.09 2.59 15.94
C PRO A 32 -17.62 2.81 15.62
N ASP A 33 -16.78 2.72 16.65
CA ASP A 33 -15.31 2.84 16.42
C ASP A 33 -14.82 1.70 15.52
N ALA A 34 -15.26 0.48 15.81
CA ALA A 34 -14.81 -0.66 15.04
C ALA A 34 -15.31 -0.52 13.63
N LYS A 35 -16.56 -0.05 13.44
CA LYS A 35 -17.09 0.19 12.10
C LYS A 35 -16.21 1.04 11.19
N LYS A 36 -15.65 2.15 11.71
CA LYS A 36 -14.78 3.05 10.96
C LYS A 36 -13.55 2.31 10.48
N PHE A 37 -12.93 1.47 11.34
CA PHE A 37 -11.79 0.65 10.89
C PHE A 37 -12.14 -0.37 9.82
N TYR A 38 -13.30 -1.04 10.00
CA TYR A 38 -13.80 -1.91 8.97
C TYR A 38 -14.06 -1.19 7.66
N ALA A 39 -14.70 0.00 7.66
CA ALA A 39 -14.98 0.62 6.43
C ALA A 39 -13.65 0.94 5.68
N ILE A 40 -12.71 1.60 6.39
CA ILE A 40 -11.44 1.93 5.75
C ILE A 40 -10.73 0.73 5.21
N THR A 41 -10.69 -0.36 6.02
CA THR A 41 -9.81 -1.43 5.80
C THR A 41 -10.41 -2.38 4.70
N THR A 42 -11.75 -2.39 4.59
CA THR A 42 -12.38 -3.16 3.51
C THR A 42 -12.16 -2.46 2.20
N LEU A 43 -12.23 -1.16 2.15
CA LEU A 43 -12.02 -0.44 0.92
C LEU A 43 -10.64 -0.61 0.30
N VAL A 44 -9.65 -0.85 1.16
CA VAL A 44 -8.27 -1.03 0.71
C VAL A 44 -8.11 -2.21 -0.29
N PRO A 45 -8.38 -3.45 0.12
CA PRO A 45 -8.34 -4.51 -0.86
C PRO A 45 -9.41 -4.48 -1.95
N ALA A 46 -10.47 -3.71 -1.74
CA ALA A 46 -11.50 -3.61 -2.80
C ALA A 46 -10.96 -2.82 -3.92
N ILE A 47 -10.26 -1.74 -3.63
CA ILE A 47 -9.61 -0.96 -4.66
C ILE A 47 -8.52 -1.77 -5.35
N ALA A 48 -7.70 -2.46 -4.55
CA ALA A 48 -6.66 -3.28 -5.13
C ALA A 48 -7.20 -4.41 -6.04
N PHE A 49 -8.34 -5.02 -5.65
CA PHE A 49 -9.04 -5.98 -6.48
C PHE A 49 -9.43 -5.42 -7.81
N THR A 50 -9.95 -4.21 -7.83
CA THR A 50 -10.32 -3.58 -9.09
CA THR A 50 -10.33 -3.54 -9.06
C THR A 50 -9.15 -3.31 -10.03
N MET A 51 -7.99 -2.87 -9.47
CA MET A 51 -6.88 -2.60 -10.29
C MET A 51 -6.15 -3.87 -10.69
N TYR A 52 -6.03 -4.89 -9.84
CA TYR A 52 -5.49 -6.15 -10.24
C TYR A 52 -6.33 -6.75 -11.40
N LEU A 53 -7.65 -6.68 -11.20
CA LEU A 53 -8.57 -7.24 -12.23
C LEU A 53 -8.39 -6.50 -13.53
N SER A 54 -8.25 -5.15 -13.50
CA SER A 54 -8.03 -4.35 -14.67
CA SER A 54 -8.04 -4.34 -14.68
C SER A 54 -6.77 -4.76 -15.39
N MET A 55 -5.67 -4.89 -14.65
CA MET A 55 -4.39 -5.34 -15.25
C MET A 55 -4.47 -6.76 -15.82
N LEU A 56 -5.16 -7.64 -15.14
CA LEU A 56 -5.32 -9.00 -15.56
C LEU A 56 -6.01 -8.99 -16.96
N LEU A 57 -6.94 -8.09 -17.11
CA LEU A 57 -7.69 -7.98 -18.39
C LEU A 57 -6.98 -7.15 -19.42
N GLY A 58 -5.76 -6.66 -19.13
CA GLY A 58 -4.92 -5.95 -20.11
C GLY A 58 -5.02 -4.45 -20.10
N TYR A 59 -5.68 -3.88 -19.07
CA TYR A 59 -5.71 -2.44 -18.96
C TYR A 59 -4.61 -1.98 -18.01
N GLY A 60 -4.40 -0.69 -17.95
CA GLY A 60 -3.35 -0.05 -17.11
C GLY A 60 -1.93 -0.41 -17.42
N LEU A 61 -1.65 -0.74 -18.69
CA LEU A 61 -0.36 -1.11 -19.14
C LEU A 61 0.01 -0.19 -20.31
N THR A 62 1.18 0.40 -20.28
CA THR A 62 1.62 1.28 -21.39
C THR A 62 3.06 0.96 -21.73
N MET A 63 3.52 1.42 -22.90
CA MET A 63 4.93 1.21 -23.30
C MET A 63 5.63 2.56 -23.17
N VAL A 64 6.81 2.55 -22.52
CA VAL A 64 7.60 3.75 -22.33
C VAL A 64 8.99 3.49 -22.95
N PRO A 65 9.39 4.39 -23.84
CA PRO A 65 10.73 4.23 -24.41
C PRO A 65 11.80 4.81 -23.50
N PHE A 66 12.77 3.96 -23.16
CA PHE A 66 14.01 4.43 -22.46
C PHE A 66 15.06 3.36 -22.61
N GLY A 67 16.32 3.81 -22.53
CA GLY A 67 17.44 2.95 -22.61
C GLY A 67 17.51 2.33 -23.98
N GLY A 68 16.93 2.96 -25.00
CA GLY A 68 16.94 2.39 -26.36
C GLY A 68 15.93 1.26 -26.66
N GLU A 69 14.90 1.09 -25.82
CA GLU A 69 13.88 0.06 -26.03
C GLU A 69 12.54 0.56 -25.57
N GLN A 70 11.46 -0.16 -25.92
CA GLN A 70 10.13 0.14 -25.43
C GLN A 70 9.93 -0.83 -24.28
N ASN A 71 9.54 -0.30 -23.10
CA ASN A 71 9.50 -1.06 -21.87
C ASN A 71 8.04 -1.05 -21.36
N PRO A 72 7.50 -2.21 -21.00
CA PRO A 72 6.15 -2.27 -20.45
C PRO A 72 6.09 -1.76 -18.98
N ILE A 73 5.21 -0.81 -18.74
CA ILE A 73 5.04 -0.22 -17.45
C ILE A 73 3.55 -0.37 -17.11
N TYR A 74 3.27 -1.07 -16.02
CA TYR A 74 1.95 -1.05 -15.46
C TYR A 74 1.63 0.19 -14.64
N TRP A 75 0.95 1.16 -15.20
CA TRP A 75 0.60 2.37 -14.48
C TRP A 75 -0.61 2.20 -13.60
N ALA A 76 -1.42 1.14 -13.79
CA ALA A 76 -2.59 0.99 -12.94
C ALA A 76 -2.22 0.81 -11.46
N ARG A 77 -0.99 0.31 -11.20
CA ARG A 77 -0.55 0.14 -9.80
C ARG A 77 -0.58 1.46 -9.06
N TYR A 78 -0.25 2.52 -9.77
CA TYR A 78 -0.24 3.86 -9.12
C TYR A 78 -1.63 4.38 -8.81
N ALA A 79 -2.62 3.97 -9.62
CA ALA A 79 -4.03 4.31 -9.36
C ALA A 79 -4.56 3.61 -8.14
N ASP A 80 -4.13 2.37 -7.90
CA ASP A 80 -4.40 1.69 -6.67
C ASP A 80 -3.76 2.37 -5.51
N TRP A 81 -2.40 2.50 -5.60
CA TRP A 81 -1.63 3.05 -4.48
C TRP A 81 -1.96 4.45 -4.11
N LEU A 82 -2.37 5.25 -5.08
CA LEU A 82 -2.80 6.57 -4.75
C LEU A 82 -3.84 6.64 -3.66
N PHE A 83 -4.81 5.72 -3.70
CA PHE A 83 -5.85 5.70 -2.70
C PHE A 83 -5.64 4.74 -1.56
N THR A 84 -5.00 3.59 -1.84
CA THR A 84 -4.83 2.62 -0.78
C THR A 84 -3.78 2.96 0.26
N THR A 85 -2.66 3.52 -0.19
CA THR A 85 -1.63 3.89 0.77
C THR A 85 -2.09 4.94 1.79
N PRO A 86 -2.76 6.05 1.37
CA PRO A 86 -3.26 6.90 2.44
C PRO A 86 -4.32 6.30 3.32
N LEU A 87 -5.14 5.39 2.81
CA LEU A 87 -6.09 4.77 3.67
C LEU A 87 -5.44 3.88 4.74
N LEU A 88 -4.37 3.17 4.37
CA LEU A 88 -3.64 2.45 5.38
C LEU A 88 -3.05 3.40 6.44
N LEU A 89 -2.47 4.54 5.99
CA LEU A 89 -1.91 5.51 6.95
C LEU A 89 -3.03 6.01 7.85
N LEU A 90 -4.23 6.20 7.29
CA LEU A 90 -5.40 6.64 8.08
C LEU A 90 -5.78 5.63 9.12
N ASP A 91 -5.72 4.34 8.82
CA ASP A 91 -5.91 3.34 9.87
C ASP A 91 -4.94 3.48 11.01
N LEU A 92 -3.64 3.66 10.68
CA LEU A 92 -2.64 3.87 11.72
C LEU A 92 -2.88 5.14 12.54
N ALA A 93 -3.21 6.21 11.86
CA ALA A 93 -3.54 7.47 12.53
C ALA A 93 -4.70 7.40 13.49
N LEU A 94 -5.75 6.69 13.10
CA LEU A 94 -6.90 6.56 13.93
C LEU A 94 -6.61 5.70 15.11
N LEU A 95 -5.75 4.71 14.97
CA LEU A 95 -5.43 3.88 16.05
CA LEU A 95 -5.35 3.87 16.12
C LEU A 95 -4.70 4.65 17.17
N VAL A 96 -3.82 5.63 16.79
CA VAL A 96 -3.06 6.31 17.78
C VAL A 96 -3.60 7.69 18.10
N ASP A 97 -4.72 8.05 17.47
CA ASP A 97 -5.30 9.40 17.64
CA ASP A 97 -5.32 9.39 17.59
C ASP A 97 -4.34 10.46 17.20
N ALA A 98 -3.73 10.32 16.01
CA ALA A 98 -2.80 11.33 15.55
C ALA A 98 -3.49 12.65 15.34
N ASP A 99 -2.69 13.73 15.40
CA ASP A 99 -3.20 15.09 15.20
C ASP A 99 -3.65 15.19 13.73
N GLN A 100 -4.67 15.98 13.51
CA GLN A 100 -5.16 16.26 12.18
C GLN A 100 -4.10 16.82 11.25
N GLY A 101 -3.27 17.75 11.71
CA GLY A 101 -2.24 18.32 10.88
C GLY A 101 -1.11 17.29 10.46
N THR A 102 -0.90 16.28 11.32
CA THR A 102 0.09 15.17 11.01
C THR A 102 -0.53 14.31 9.93
N ILE A 103 -1.84 14.11 10.00
CA ILE A 103 -2.51 13.32 9.00
C ILE A 103 -2.43 13.97 7.66
N LEU A 104 -2.72 15.28 7.63
CA LEU A 104 -2.63 15.98 6.35
C LEU A 104 -1.21 15.94 5.79
N ALA A 105 -0.21 16.10 6.63
CA ALA A 105 1.16 16.10 6.16
C ALA A 105 1.55 14.75 5.59
N LEU A 106 1.10 13.68 6.24
CA LEU A 106 1.36 12.32 5.75
C LEU A 106 0.62 11.99 4.49
N VAL A 107 -0.65 12.38 4.43
CA VAL A 107 -1.37 12.20 3.17
C VAL A 107 -0.81 12.97 2.02
N GLY A 108 -0.33 14.20 2.26
CA GLY A 108 0.39 15.01 1.33
C GLY A 108 1.63 14.30 0.84
N ALA A 109 2.47 13.89 1.77
CA ALA A 109 3.68 13.21 1.44
C ALA A 109 3.42 11.97 0.60
N ASP A 110 2.34 11.26 0.95
CA ASP A 110 1.98 10.01 0.27
C ASP A 110 1.59 10.29 -1.16
N GLY A 111 0.78 11.39 -1.40
CA GLY A 111 0.49 11.75 -2.77
C GLY A 111 1.72 12.15 -3.55
N ILE A 112 2.66 12.86 -2.92
CA ILE A 112 3.89 13.14 -3.56
C ILE A 112 4.64 11.84 -3.91
N MET A 113 4.70 10.89 -2.96
CA MET A 113 5.37 9.60 -3.22
C MET A 113 4.83 8.90 -4.46
N ILE A 114 3.49 8.76 -4.47
CA ILE A 114 2.87 8.05 -5.59
C ILE A 114 2.95 8.85 -6.88
N GLY A 115 2.66 10.16 -6.85
CA GLY A 115 2.68 10.94 -8.07
C GLY A 115 4.09 11.10 -8.69
N THR A 116 5.13 11.30 -7.84
CA THR A 116 6.49 11.27 -8.39
C THR A 116 6.96 9.90 -8.84
N GLY A 117 6.49 8.82 -8.19
CA GLY A 117 6.79 7.45 -8.61
C GLY A 117 6.23 7.27 -10.02
N LEU A 118 5.01 7.75 -10.23
CA LEU A 118 4.35 7.54 -11.56
C LEU A 118 5.03 8.39 -12.62
N VAL A 119 5.39 9.62 -12.29
CA VAL A 119 6.13 10.46 -13.24
C VAL A 119 7.43 9.77 -13.63
N GLY A 120 8.15 9.25 -12.63
CA GLY A 120 9.37 8.45 -12.88
C GLY A 120 9.13 7.30 -13.77
N ALA A 121 8.04 6.52 -13.55
CA ALA A 121 7.77 5.41 -14.32
C ALA A 121 7.49 5.69 -15.80
N LEU A 122 7.05 6.91 -16.06
CA LEU A 122 6.65 7.27 -17.45
C LEU A 122 7.69 8.17 -18.13
N THR A 123 8.79 8.46 -17.50
CA THR A 123 9.83 9.40 -17.97
C THR A 123 10.73 8.71 -19.01
N LYS A 124 10.98 9.43 -20.10
CA LYS A 124 11.67 8.88 -21.23
C LYS A 124 13.21 8.99 -21.23
N VAL A 125 13.77 9.84 -20.41
CA VAL A 125 15.20 10.08 -20.25
C VAL A 125 15.64 9.19 -19.08
N TYR A 126 16.45 8.20 -19.35
CA TYR A 126 16.70 7.12 -18.35
C TYR A 126 17.18 7.67 -17.08
N SER A 127 18.14 8.59 -17.11
CA SER A 127 18.67 9.20 -15.89
CA SER A 127 18.69 9.16 -15.89
C SER A 127 17.66 9.89 -15.03
N TYR A 128 16.71 10.58 -15.67
CA TYR A 128 15.71 11.31 -14.96
C TYR A 128 14.62 10.43 -14.32
N ARG A 129 14.47 9.22 -14.78
CA ARG A 129 13.58 8.28 -14.14
C ARG A 129 14.04 8.09 -12.69
N PHE A 130 15.37 8.09 -12.49
CA PHE A 130 15.94 7.93 -11.12
C PHE A 130 15.85 9.11 -10.26
N VAL A 131 15.82 10.29 -10.86
CA VAL A 131 15.61 11.52 -10.08
C VAL A 131 14.22 11.45 -9.42
N TRP A 132 13.18 11.12 -10.21
CA TRP A 132 11.83 11.00 -9.68
C TRP A 132 11.72 9.88 -8.64
N TRP A 133 12.36 8.74 -8.96
CA TRP A 133 12.50 7.69 -7.96
C TRP A 133 13.04 8.14 -6.63
N ALA A 134 14.11 8.99 -6.68
CA ALA A 134 14.72 9.44 -5.46
C ALA A 134 13.84 10.40 -4.69
N ILE A 135 13.12 11.29 -5.38
CA ILE A 135 12.18 12.16 -4.74
C ILE A 135 11.07 11.36 -4.08
N SER A 136 10.58 10.34 -4.80
CA SER A 136 9.50 9.49 -4.25
C SER A 136 9.99 8.76 -2.94
N THR A 137 11.20 8.19 -3.04
CA THR A 137 11.76 7.47 -1.92
C THR A 137 11.99 8.42 -0.70
N ALA A 138 12.43 9.66 -0.94
CA ALA A 138 12.49 10.61 0.12
C ALA A 138 11.14 10.84 0.82
N ALA A 139 10.09 10.94 0.02
CA ALA A 139 8.76 11.18 0.55
C ALA A 139 8.36 9.95 1.37
N MET A 140 8.74 8.77 0.89
CA MET A 140 8.40 7.55 1.65
C MET A 140 9.12 7.51 2.94
N LEU A 141 10.39 7.91 2.93
CA LEU A 141 11.15 7.89 4.16
C LEU A 141 10.66 8.87 5.21
N TYR A 142 10.15 10.02 4.76
CA TYR A 142 9.52 10.93 5.68
C TYR A 142 8.31 10.32 6.35
N ILE A 143 7.47 9.63 5.55
CA ILE A 143 6.35 8.88 6.10
C ILE A 143 6.78 7.87 7.16
N LEU A 144 7.73 7.03 6.80
CA LEU A 144 8.20 6.04 7.77
C LEU A 144 8.79 6.65 9.02
N TYR A 145 9.53 7.72 8.85
CA TYR A 145 10.13 8.42 10.01
C TYR A 145 9.02 8.83 11.00
N VAL A 146 8.01 9.52 10.45
CA VAL A 146 6.84 9.90 11.26
C VAL A 146 6.06 8.79 11.89
N LEU A 147 5.90 7.67 11.15
CA LEU A 147 5.22 6.52 11.73
C LEU A 147 6.08 5.93 12.84
N PHE A 148 7.38 5.94 12.65
CA PHE A 148 8.26 5.21 13.57
C PHE A 148 8.49 6.05 14.80
N PHE A 149 8.84 7.34 14.62
CA PHE A 149 9.10 8.18 15.78
C PHE A 149 7.87 8.93 16.33
N GLY A 150 7.10 9.53 15.46
CA GLY A 150 5.86 10.31 15.89
C GLY A 150 4.67 9.43 16.31
N PHE A 151 4.28 8.48 15.51
CA PHE A 151 3.11 7.68 15.87
C PHE A 151 3.37 6.78 17.04
N THR A 152 4.58 6.18 17.19
CA THR A 152 4.84 5.36 18.33
C THR A 152 4.72 6.19 19.58
N SER A 153 5.19 7.42 19.55
CA SER A 153 5.04 8.32 20.75
CA SER A 153 5.04 8.31 20.74
C SER A 153 3.57 8.48 21.14
N LYS A 154 2.71 8.80 20.17
CA LYS A 154 1.27 8.93 20.44
C LYS A 154 0.71 7.65 20.93
N ALA A 155 1.19 6.55 20.37
CA ALA A 155 0.67 5.25 20.74
C ALA A 155 0.92 4.91 22.22
N GLU A 156 1.99 5.44 22.75
CA GLU A 156 2.34 5.10 24.12
C GLU A 156 1.43 5.80 25.11
N SER A 157 0.57 6.71 24.68
CA SER A 157 -0.44 7.26 25.58
CA SER A 157 -0.43 7.31 25.55
C SER A 157 -1.72 6.45 25.59
N MET A 158 -1.79 5.40 24.76
CA MET A 158 -2.95 4.54 24.68
C MET A 158 -2.78 3.34 25.60
N ARG A 159 -3.83 2.59 25.78
CA ARG A 159 -3.69 1.37 26.52
C ARG A 159 -2.75 0.40 25.82
N PRO A 160 -2.09 -0.50 26.58
CA PRO A 160 -1.07 -1.32 26.02
C PRO A 160 -1.57 -2.15 24.84
N GLU A 161 -2.79 -2.68 24.92
CA GLU A 161 -3.27 -3.47 23.80
C GLU A 161 -3.40 -2.65 22.48
N VAL A 162 -3.74 -1.39 22.54
CA VAL A 162 -3.76 -0.52 21.37
C VAL A 162 -2.33 -0.22 20.93
N ALA A 163 -1.45 0.12 21.88
CA ALA A 163 -0.05 0.36 21.56
C ALA A 163 0.61 -0.81 20.93
N SER A 164 0.27 -2.02 21.38
CA SER A 164 0.87 -3.24 20.89
CA SER A 164 0.89 -3.22 20.88
C SER A 164 0.39 -3.56 19.45
N THR A 165 -0.90 -3.43 19.22
CA THR A 165 -1.43 -3.60 17.87
C THR A 165 -0.81 -2.57 16.93
N PHE A 166 -0.70 -1.29 17.36
CA PHE A 166 -0.09 -0.31 16.51
C PHE A 166 1.36 -0.73 16.17
N LYS A 167 2.09 -1.20 17.16
CA LYS A 167 3.49 -1.51 16.90
C LYS A 167 3.66 -2.65 15.91
N VAL A 168 2.80 -3.68 15.97
CA VAL A 168 2.90 -4.72 14.99
C VAL A 168 2.61 -4.15 13.62
N LEU A 169 1.52 -3.35 13.47
CA LEU A 169 1.13 -2.83 12.18
C LEU A 169 2.19 -1.88 11.65
N ARG A 170 2.74 -1.12 12.53
CA ARG A 170 3.89 -0.22 12.15
C ARG A 170 5.04 -1.03 11.58
N ASN A 171 5.36 -2.11 12.27
CA ASN A 171 6.48 -2.91 11.85
C ASN A 171 6.25 -3.55 10.52
N VAL A 172 5.06 -4.14 10.33
CA VAL A 172 4.70 -4.64 9.04
C VAL A 172 4.82 -3.59 7.95
N THR A 173 4.31 -2.39 8.22
CA THR A 173 4.34 -1.31 7.26
C THR A 173 5.78 -0.90 6.90
N VAL A 174 6.59 -0.72 7.92
CA VAL A 174 8.00 -0.27 7.63
C VAL A 174 8.71 -1.38 6.79
N VAL A 175 8.58 -2.65 7.14
CA VAL A 175 9.26 -3.65 6.38
C VAL A 175 8.75 -3.75 4.98
N LEU A 176 7.40 -3.88 4.81
CA LEU A 176 6.89 -3.97 3.44
C LEU A 176 7.11 -2.76 2.59
N TRP A 177 6.77 -1.59 3.11
CA TRP A 177 6.86 -0.40 2.30
C TRP A 177 8.33 -0.16 1.82
N SER A 178 9.28 -0.39 2.72
CA SER A 178 10.71 -0.07 2.42
C SER A 178 11.18 -0.95 1.24
N ALA A 179 10.52 -2.09 0.95
CA ALA A 179 10.88 -2.93 -0.15
C ALA A 179 10.45 -2.39 -1.53
N TYR A 180 9.33 -1.65 -1.58
CA TYR A 180 8.87 -1.16 -2.88
C TYR A 180 9.88 -0.36 -3.69
N PRO A 181 10.57 0.63 -3.11
CA PRO A 181 11.56 1.29 -3.90
C PRO A 181 12.68 0.48 -4.44
N VAL A 182 13.05 -0.60 -3.73
CA VAL A 182 14.07 -1.48 -4.20
C VAL A 182 13.61 -2.35 -5.37
N VAL A 183 12.40 -2.87 -5.28
CA VAL A 183 11.82 -3.60 -6.42
C VAL A 183 11.75 -2.69 -7.64
N TRP A 184 11.34 -1.45 -7.47
CA TRP A 184 11.22 -0.58 -8.62
C TRP A 184 12.62 -0.31 -9.25
N LEU A 185 13.61 -0.03 -8.37
CA LEU A 185 14.96 0.27 -8.85
C LEU A 185 15.60 -0.85 -9.63
N ILE A 186 15.30 -2.11 -9.25
CA ILE A 186 15.99 -3.27 -9.88
C ILE A 186 15.09 -3.94 -10.94
N GLY A 187 13.84 -3.53 -11.00
CA GLY A 187 12.87 -4.20 -11.85
C GLY A 187 12.65 -3.42 -13.16
N SER A 188 11.50 -3.64 -13.81
CA SER A 188 11.25 -3.17 -15.16
C SER A 188 11.19 -1.72 -15.29
N GLU A 189 10.86 -1.01 -14.20
CA GLU A 189 10.77 0.44 -14.23
C GLU A 189 12.11 1.16 -14.11
N GLY A 190 13.07 0.41 -13.56
CA GLY A 190 14.39 0.97 -13.18
C GLY A 190 15.46 0.33 -13.99
N ALA A 191 16.33 -0.45 -13.33
CA ALA A 191 17.51 -1.00 -14.01
C ALA A 191 17.19 -2.16 -14.93
N GLY A 192 16.02 -2.75 -14.87
CA GLY A 192 15.65 -3.82 -15.80
C GLY A 192 16.30 -5.18 -15.53
N ILE A 193 16.76 -5.38 -14.30
CA ILE A 193 17.44 -6.62 -13.95
C ILE A 193 16.50 -7.75 -13.71
N VAL A 194 15.55 -7.47 -12.81
CA VAL A 194 14.56 -8.50 -12.39
C VAL A 194 13.41 -8.44 -13.48
N PRO A 195 13.16 -9.52 -14.14
CA PRO A 195 12.14 -9.56 -15.22
C PRO A 195 10.70 -9.30 -14.71
N LEU A 196 9.91 -8.79 -15.60
CA LEU A 196 8.56 -8.30 -15.23
C LEU A 196 7.74 -9.41 -14.58
N ASN A 197 7.95 -10.65 -14.95
CA ASN A 197 7.17 -11.67 -14.31
C ASN A 197 7.47 -11.89 -12.87
N ILE A 198 8.76 -11.88 -12.55
CA ILE A 198 9.20 -11.99 -11.15
CA ILE A 198 9.19 -12.00 -11.16
C ILE A 198 8.86 -10.73 -10.37
N GLU A 199 9.00 -9.58 -10.96
CA GLU A 199 8.65 -8.36 -10.35
C GLU A 199 7.16 -8.28 -9.97
N THR A 200 6.32 -8.77 -10.88
CA THR A 200 4.85 -8.83 -10.58
C THR A 200 4.60 -9.77 -9.43
N LEU A 201 5.30 -10.93 -9.31
CA LEU A 201 5.22 -11.76 -8.16
C LEU A 201 5.59 -11.05 -6.89
N LEU A 202 6.72 -10.32 -6.93
CA LEU A 202 7.13 -9.60 -5.73
C LEU A 202 6.13 -8.48 -5.29
N PHE A 203 5.65 -7.70 -6.21
CA PHE A 203 4.63 -6.70 -5.84
C PHE A 203 3.32 -7.36 -5.40
N MET A 204 2.99 -8.55 -5.93
CA MET A 204 1.76 -9.21 -5.49
CA MET A 204 1.75 -9.26 -5.45
C MET A 204 1.93 -9.66 -4.01
N VAL A 205 3.09 -10.23 -3.66
CA VAL A 205 3.35 -10.63 -2.27
C VAL A 205 3.33 -9.46 -1.33
N LEU A 206 3.99 -8.40 -1.75
CA LEU A 206 4.06 -7.21 -0.93
C LEU A 206 2.62 -6.62 -0.76
N ASP A 207 1.90 -6.49 -1.87
CA ASP A 207 0.58 -5.86 -1.88
C ASP A 207 -0.42 -6.64 -1.02
N VAL A 208 -0.43 -7.96 -1.20
CA VAL A 208 -1.34 -8.77 -0.42
C VAL A 208 -1.03 -8.74 1.09
N SER A 209 0.27 -8.75 1.41
CA SER A 209 0.72 -8.66 2.76
C SER A 209 0.39 -7.30 3.40
N ALA A 210 0.55 -6.29 2.61
CA ALA A 210 0.41 -4.89 3.11
C ALA A 210 -1.06 -4.47 3.22
N LYS A 211 -1.99 -5.25 2.61
CA LYS A 211 -3.40 -4.94 2.59
C LYS A 211 -4.19 -5.99 3.34
N VAL A 212 -4.17 -7.25 2.85
CA VAL A 212 -4.87 -8.29 3.52
C VAL A 212 -4.26 -8.77 4.80
N GLY A 213 -2.89 -8.90 4.79
CA GLY A 213 -2.16 -9.25 6.01
C GLY A 213 -2.36 -8.25 7.10
N PHE A 214 -2.06 -7.00 6.74
CA PHE A 214 -2.34 -5.88 7.61
C PHE A 214 -3.75 -5.83 8.15
N GLY A 215 -4.73 -5.99 7.24
CA GLY A 215 -6.10 -5.96 7.66
C GLY A 215 -6.49 -7.06 8.58
N LEU A 216 -5.95 -8.25 8.38
CA LEU A 216 -6.21 -9.40 9.28
C LEU A 216 -5.77 -9.12 10.67
N ILE A 217 -4.59 -8.51 10.77
CA ILE A 217 -4.04 -8.13 12.06
C ILE A 217 -4.86 -7.05 12.75
N LEU A 218 -5.23 -6.02 12.03
CA LEU A 218 -5.95 -4.90 12.59
C LEU A 218 -7.40 -5.36 13.01
N LEU A 219 -8.06 -6.07 12.10
CA LEU A 219 -9.48 -6.27 12.26
C LEU A 219 -9.71 -7.40 13.27
N ARG A 220 -8.75 -8.27 13.56
CA ARG A 220 -8.89 -9.28 14.58
CA ARG A 220 -8.95 -9.27 14.61
C ARG A 220 -8.56 -8.75 15.97
N SER A 221 -8.05 -7.51 16.08
CA SER A 221 -7.63 -7.04 17.35
C SER A 221 -8.77 -6.45 18.16
N ARG A 222 -8.62 -6.46 19.48
CA ARG A 222 -9.50 -5.70 20.36
C ARG A 222 -9.30 -4.19 20.28
N ALA A 223 -8.17 -3.75 19.76
CA ALA A 223 -7.85 -2.36 19.71
C ALA A 223 -8.77 -1.49 18.92
N ILE A 224 -9.50 -2.04 17.96
CA ILE A 224 -10.38 -1.25 17.18
C ILE A 224 -11.76 -0.98 17.83
N PHE A 225 -11.96 -1.58 18.95
CA PHE A 225 -13.28 -1.36 19.66
C PHE A 225 -13.26 -0.21 20.64
N GLY A 226 -14.39 0.40 20.70
CA GLY A 226 -14.73 1.48 21.60
C GLY A 226 -15.12 1.04 23.00
C1 RET B . 7.09 3.58 -5.68
C2 RET B . 7.93 4.21 -6.70
C3 RET B . 9.33 4.42 -6.52
C4 RET B . 9.77 4.90 -5.11
C5 RET B . 8.78 4.52 -4.03
C6 RET B . 7.63 3.86 -4.26
C7 RET B . 6.85 3.37 -3.12
C8 RET B . 5.74 2.66 -3.14
C9 RET B . 5.04 2.18 -1.97
C10 RET B . 3.96 1.39 -2.18
C11 RET B . 3.17 0.80 -1.14
C12 RET B . 2.13 0.07 -1.57
C13 RET B . 1.20 -0.52 -0.73
C14 RET B . 0.26 -1.11 -1.48
C15 RET B . -0.84 -1.60 -0.91
C16 RET B . 5.76 4.27 -5.91
C17 RET B . 7.03 2.05 -5.95
C18 RET B . 9.21 4.90 -2.66
C19 RET B . 5.54 2.39 -0.58
C20 RET B . 1.26 -0.50 0.75
P PO4 C . 17.54 7.41 -22.81
O1 PO4 C . 17.61 7.71 -24.27
O2 PO4 C . 18.00 8.58 -21.98
O3 PO4 C . 16.20 6.98 -22.36
O4 PO4 C . 18.45 6.19 -22.71
C20 HP6 D . 15.84 -16.83 -4.14
C21 HP6 D . 16.25 -15.87 -5.25
C22 HP6 D . 17.28 -16.50 -6.21
C23 HP6 D . 17.67 -15.59 -7.38
C24 HP6 D . 18.20 -16.43 -8.54
C25 HP6 D . 18.97 -15.67 -9.59
C26 HP6 D . 18.99 -16.39 -10.94
C1 D12 E . 13.33 18.54 11.50
C2 D12 E . 13.53 18.40 10.00
C3 D12 E . 14.97 18.11 9.60
C4 D12 E . 15.09 17.67 8.12
C5 D12 E . 16.54 17.44 7.72
C6 D12 E . 16.74 16.55 6.49
C7 D12 E . 17.90 15.57 6.77
C8 D12 E . 18.15 14.57 5.64
C9 D12 E . 19.64 14.24 5.42
C10 D12 E . 19.81 13.53 4.07
C11 D12 E . 21.22 13.51 3.52
C12 D12 E . 21.27 12.87 2.13
C1 D12 F . 19.21 9.98 -3.03
C2 D12 F . 20.19 10.74 -3.85
C3 D12 F . 21.19 9.87 -4.56
C4 D12 F . 22.37 10.64 -5.10
C5 D12 F . 23.12 9.94 -6.21
C6 D12 F . 23.72 10.95 -7.18
C7 D12 F . 24.09 10.42 -8.51
C8 D12 F . 24.65 11.54 -9.32
C9 D12 F . 25.08 11.08 -10.68
C10 D12 F . 26.48 11.50 -11.03
C11 D12 F . 26.63 11.90 -12.49
C12 D12 F . 27.72 11.07 -13.17
C1 D12 G . 19.43 -13.17 -2.50
C2 D12 G . 19.35 -12.20 -3.66
C3 D12 G . 19.79 -12.81 -4.99
C4 D12 G . 20.00 -11.72 -6.07
C5 D12 G . 20.12 -12.27 -7.50
C6 D12 G . 20.96 -11.45 -8.45
C7 D12 G . 20.43 -11.33 -9.87
C8 D12 G . 21.59 -11.50 -10.86
C9 D12 G . 21.14 -11.38 -12.31
C10 D12 G . 22.21 -11.69 -13.37
C11 D12 G . 21.91 -10.97 -14.74
C12 D12 G . 21.81 -11.93 -15.85
C1 D10 H . -9.72 -15.45 -10.15
C2 D10 H . -8.95 -14.97 -11.34
C3 D10 H . -9.10 -16.09 -12.37
C4 D10 H . -8.08 -16.13 -13.50
C5 D10 H . -8.18 -17.45 -14.23
C6 D10 H . -8.01 -17.34 -15.73
C7 D10 H . -7.89 -18.73 -16.30
C8 D10 H . -7.43 -18.65 -17.75
C9 D10 H . -6.42 -19.74 -18.04
C10 D10 H . -5.90 -19.61 -19.46
C1 D10 I . 13.61 17.80 -4.53
C2 D10 I . 14.02 18.25 -5.92
C3 D10 I . 15.50 18.00 -6.22
C4 D10 I . 15.69 17.46 -7.65
C5 D10 I . 16.93 17.96 -8.37
C6 D10 I . 17.32 17.03 -9.53
C7 D10 I . 18.14 17.72 -10.62
C8 D10 I . 19.19 16.81 -11.28
C9 D10 I . 19.08 16.86 -12.80
C10 D10 I . 20.35 16.51 -13.52
C27 R16 J . 15.74 16.42 14.33
C28 R16 J . 15.95 15.01 13.81
C29 R16 J . 15.69 14.92 12.32
C30 R16 J . 16.00 13.49 11.86
C31 R16 J . 16.45 13.42 10.44
C32 R16 J . 16.35 12.03 9.83
C33 R16 J . 16.71 12.12 8.34
C34 R16 J . 16.87 10.82 7.57
C35 R16 J . 15.69 9.95 7.78
C36 R16 J . 15.69 8.69 6.99
C37 R16 J . 14.46 7.91 7.36
C38 R16 J . 14.55 6.85 8.33
C39 R16 J . 13.29 6.14 8.57
C40 R16 J . 13.21 5.46 9.87
C41 R16 J . 12.15 4.39 9.82
C42 R16 J . 12.36 3.14 10.51
C1 D10 K . -15.20 -7.70 -4.20
C2 D10 K . -16.32 -6.69 -4.25
C3 D10 K . -16.70 -6.26 -5.66
C4 D10 K . -16.02 -4.99 -6.19
C5 D10 K . -16.82 -4.43 -7.40
C6 D10 K . -16.03 -3.62 -8.43
C7 D10 K . -15.75 -4.34 -9.75
C8 D10 K . -15.14 -3.39 -10.81
C9 D10 K . -14.01 -4.06 -11.62
C10 D10 K . -13.60 -3.38 -12.91
C1 D12 L . -10.98 -20.63 -1.47
C2 D12 L . -10.98 -20.93 -2.96
C3 D12 L . -11.53 -19.81 -3.83
C4 D12 L . -10.61 -19.63 -5.06
C5 D12 L . -10.77 -18.29 -5.75
C6 D12 L . -10.29 -18.32 -7.20
C7 D12 L . -8.90 -18.95 -7.39
C8 D12 L . -8.27 -18.47 -8.71
C9 D12 L . -6.85 -18.98 -8.95
C10 D12 L . -6.23 -18.28 -10.17
C11 D12 L . -4.89 -18.84 -10.60
C12 D12 L . -4.94 -19.60 -11.91
C1 D12 M . 21.43 13.70 -1.63
C2 D12 M . 22.78 14.21 -2.11
C3 D12 M . 23.20 13.58 -3.44
C4 D12 M . 24.52 14.16 -3.96
C5 D12 M . 25.28 13.32 -5.01
C6 D12 M . 26.73 13.79 -5.09
C7 D12 M . 27.55 13.33 -6.28
C8 D12 M . 27.42 14.26 -7.49
C9 D12 M . 28.66 14.16 -8.39
C10 D12 M . 28.53 14.97 -9.68
C11 D12 M . 29.92 15.21 -10.31
C12 D12 M . 29.86 15.48 -11.79
C1 DD9 N . 8.10 17.87 -6.55
C2 DD9 N . 9.37 18.58 -6.99
C3 DD9 N . 9.66 18.57 -8.50
C4 DD9 N . 11.16 18.64 -8.82
C5 DD9 N . 11.47 18.28 -10.27
C6 DD9 N . 12.90 17.86 -10.60
C7 DD9 N . 13.01 17.10 -11.94
C8 DD9 N . 14.08 17.66 -12.88
C9 DD9 N . 14.58 16.61 -13.88
C1 D12 O . 15.42 -10.58 -6.23
C2 D12 O . 15.23 -11.72 -7.21
C3 D12 O . 16.22 -11.62 -8.34
C4 D12 O . 15.72 -12.28 -9.62
C5 D12 O . 16.57 -11.87 -10.80
C6 D12 O . 16.48 -12.89 -11.91
C7 D12 O . 17.46 -12.57 -13.02
C8 D12 O . 17.22 -13.43 -14.26
C9 D12 O . 17.65 -12.63 -15.51
C10 D12 O . 17.24 -13.22 -16.86
C11 D12 O . 15.72 -13.21 -17.02
C12 D12 O . 15.28 -13.18 -18.47
C1 D12 P . 0.63 20.28 6.82
C2 D12 P . 1.61 19.88 5.71
C3 D12 P . 1.05 19.74 4.28
C4 D12 P . 2.04 19.07 3.26
C5 D12 P . 3.36 18.48 3.84
C6 D12 P . 4.38 17.76 2.91
C7 D12 P . 5.44 16.97 3.73
C8 D12 P . 6.88 16.86 3.17
C9 D12 P . 7.06 15.95 1.93
C10 D12 P . 8.52 15.63 1.56
C11 D12 P . 8.67 15.24 0.09
C12 D12 P . 10.08 15.17 -0.47
C1 D12 Q . -20.73 4.18 4.85
C2 D12 Q . -19.82 2.95 4.83
C3 D12 Q . -18.41 3.37 4.43
C4 D12 Q . -17.99 2.80 3.08
C5 D12 Q . -17.12 1.55 3.19
C6 D12 Q . -16.66 1.15 1.80
C7 D12 Q . -16.10 -0.26 1.71
C8 D12 Q . -17.02 -1.23 1.03
C9 D12 Q . -16.44 -1.79 -0.27
C10 D12 Q . -17.07 -3.14 -0.53
C11 D12 Q . -17.01 -3.61 -1.96
C12 D12 Q . -17.39 -5.05 -2.00
C1 D10 R . 8.90 -14.06 -2.73
C2 D10 R . 9.55 -15.09 -3.62
C3 D10 R . 10.39 -14.48 -4.74
C4 D10 R . 11.38 -15.48 -5.32
C5 D10 R . 11.95 -15.03 -6.65
C6 D10 R . 12.64 -16.16 -7.40
C7 D10 R . 13.22 -15.64 -8.70
C8 D10 R . 14.37 -16.48 -9.29
C9 D10 R . 14.14 -16.90 -10.75
C10 D10 R . 14.89 -16.05 -11.79
#